data_5X09
#
_entry.id   5X09
#
_cell.length_a   127.467
_cell.length_b   127.467
_cell.length_c   105.349
_cell.angle_alpha   90.00
_cell.angle_beta   90.00
_cell.angle_gamma   90.00
#
_symmetry.space_group_name_H-M   'P 43 21 2'
#
loop_
_entity.id
_entity.type
_entity.pdbx_description
1 polymer 'V-type ATP synthase alpha chain,V-type ATP synthase alpha chain'
2 non-polymer 'ACETIC ACID'
3 non-polymer 2-AMINO-2-HYDROXYMETHYL-PROPANE-1,3-DIOL
4 non-polymer (4S)-2-METHYL-2,4-PENTANEDIOL
5 water water
#
_entity_poly.entity_id   1
_entity_poly.type   'polypeptide(L)'
_entity_poly.pdbx_seq_one_letter_code
;QVYEETAGVRPGEPVVGTGASLSVELGPRLLTSIYDGIQRPLEVIREKTGDFIARGVTAPALPRDKKWHFIPKAKVGDKV
VGGDIIGEVPETSIIVHKIMVPPGIEGEIVEIAEEGDYTIEEVIAKVKTPSGEIKELKMYQRWPVRVKRPYKEKLPPEVP
LITGQRVIDTFFPQAKGGTAAIPGAFGCGKTVTQHQLAKWSDAQVVIYIGCGERGNEMTDVLEEFPKLKDPKTGKPLMER
TVLIANTSNMPVAAREASIYTGITIAEYFRDMGYDVALMADSTSRWAEALREISGRLEEMPGEEGYPAYLASKLAEFYER
AGRVVTLGSDYRVGSVSVIGAVSPPGGDFSEPVVQNTLRVVKVFWALDADLARRRHFPAINWLTSYSLYVDAVKDWWHKN
IDPEWKAMRDKAMALLQKESELQEIVRIVGPDALPERERAILLVARMLREDYLQQDAFDEVDTYCPPEKQVTMMRVLLNF
YDKTMEAINRGVPLEEIAKLPVREEIGRMKFERDVSKIRSLIDKTNEQFEELFKKYGA
;
_entity_poly.pdbx_strand_id   A
#
loop_
_chem_comp.id
_chem_comp.type
_chem_comp.name
_chem_comp.formula
ACY non-polymer 'ACETIC ACID' 'C2 H4 O2'
MPD non-polymer (4S)-2-METHYL-2,4-PENTANEDIOL 'C6 H14 O2'
TRS non-polymer 2-AMINO-2-HYDROXYMETHYL-PROPANE-1,3-DIOL 'C4 H12 N O3 1'
#
# COMPACT_ATOMS: atom_id res chain seq x y z
N GLN A 1 -2.88 -16.85 30.32
CA GLN A 1 -3.63 -15.88 31.16
C GLN A 1 -4.78 -15.21 30.39
N VAL A 2 -4.50 -14.76 29.17
CA VAL A 2 -5.53 -14.20 28.29
C VAL A 2 -5.66 -15.09 27.08
N TYR A 3 -6.91 -15.38 26.67
CA TYR A 3 -7.15 -16.35 25.60
C TYR A 3 -8.33 -16.03 24.70
N GLU A 4 -8.30 -16.64 23.51
CA GLU A 4 -9.37 -16.54 22.53
C GLU A 4 -10.51 -17.50 22.91
N GLU A 5 -10.15 -18.77 23.10
CA GLU A 5 -11.11 -19.78 23.56
C GLU A 5 -11.39 -19.59 25.05
N THR A 6 -12.67 -19.62 25.42
CA THR A 6 -13.10 -19.20 26.76
C THR A 6 -12.70 -20.20 27.85
N ALA A 7 -12.06 -19.68 28.90
CA ALA A 7 -11.57 -20.51 30.00
C ALA A 7 -12.71 -20.90 30.96
N GLY A 8 -13.44 -21.95 30.60
CA GLY A 8 -14.46 -22.53 31.47
C GLY A 8 -13.82 -23.55 32.41
N VAL A 9 -13.41 -24.67 31.84
CA VAL A 9 -12.71 -25.71 32.58
C VAL A 9 -11.24 -25.32 32.75
N ARG A 10 -10.70 -25.52 33.95
CA ARG A 10 -9.32 -25.14 34.26
C ARG A 10 -8.33 -26.25 33.87
N PRO A 11 -7.28 -25.90 33.09
CA PRO A 11 -6.25 -26.88 32.70
C PRO A 11 -5.20 -27.15 33.80
N GLY A 12 -4.22 -27.99 33.49
CA GLY A 12 -3.25 -28.50 34.46
C GLY A 12 -2.45 -27.48 35.27
N GLU A 13 -1.47 -26.84 34.62
CA GLU A 13 -0.55 -25.92 35.30
C GLU A 13 -1.27 -24.73 35.96
N PRO A 14 -0.57 -24.04 36.90
CA PRO A 14 -1.16 -22.85 37.53
C PRO A 14 -1.32 -21.69 36.55
N VAL A 15 -2.55 -21.49 36.06
CA VAL A 15 -2.84 -20.43 35.09
C VAL A 15 -4.15 -19.70 35.43
N VAL A 16 -4.05 -18.40 35.67
CA VAL A 16 -5.19 -17.58 36.08
C VAL A 16 -5.82 -16.89 34.87
N GLY A 17 -7.04 -17.29 34.52
CA GLY A 17 -7.79 -16.68 33.42
C GLY A 17 -8.20 -15.25 33.72
N THR A 18 -8.44 -14.46 32.67
CA THR A 18 -8.80 -13.04 32.84
C THR A 18 -10.17 -12.69 32.23
N GLY A 19 -10.87 -13.68 31.68
CA GLY A 19 -12.14 -13.44 30.99
C GLY A 19 -12.06 -12.38 29.90
N ALA A 20 -10.90 -12.28 29.27
CA ALA A 20 -10.62 -11.24 28.27
C ALA A 20 -9.92 -11.82 27.05
N SER A 21 -9.84 -11.03 25.99
CA SER A 21 -9.18 -11.43 24.75
C SER A 21 -7.91 -10.63 24.54
N LEU A 22 -7.09 -11.10 23.62
CA LEU A 22 -5.92 -10.36 23.18
C LEU A 22 -6.40 -9.16 22.37
N SER A 23 -6.10 -7.96 22.85
CA SER A 23 -6.69 -6.75 22.31
C SER A 23 -5.68 -5.63 22.14
N VAL A 24 -6.10 -4.59 21.44
CA VAL A 24 -5.31 -3.39 21.26
C VAL A 24 -6.09 -2.22 21.81
N GLU A 25 -5.38 -1.16 22.18
CA GLU A 25 -5.96 0.08 22.60
C GLU A 25 -5.87 1.00 21.39
N LEU A 26 -6.90 1.82 21.19
CA LEU A 26 -7.01 2.57 19.96
C LEU A 26 -7.12 4.07 20.18
N GLY A 27 -5.98 4.76 20.02
CA GLY A 27 -5.94 6.20 19.82
C GLY A 27 -6.11 7.05 21.06
N PRO A 28 -5.58 8.29 21.05
CA PRO A 28 -4.87 8.99 19.99
C PRO A 28 -3.37 9.18 20.22
N ARG A 29 -2.64 8.13 20.59
CA ARG A 29 -1.17 8.14 20.53
C ARG A 29 -0.63 6.97 19.71
N LEU A 30 -1.46 6.42 18.84
CA LEU A 30 -1.02 5.34 17.96
C LEU A 30 0.04 5.84 16.98
N LEU A 31 -0.16 7.06 16.48
CA LEU A 31 0.72 7.65 15.49
C LEU A 31 2.09 8.00 16.08
N THR A 32 3.12 7.98 15.23
CA THR A 32 4.54 8.17 15.62
C THR A 32 5.10 7.08 16.54
N SER A 33 4.36 6.01 16.75
CA SER A 33 4.69 5.05 17.80
C SER A 33 5.15 3.71 17.24
N ILE A 34 5.92 2.99 18.06
CA ILE A 34 6.58 1.77 17.65
C ILE A 34 6.30 0.67 18.69
N TYR A 35 5.65 -0.41 18.26
CA TYR A 35 5.28 -1.51 19.14
C TYR A 35 5.88 -2.83 18.66
N ASP A 36 5.58 -3.90 19.38
CA ASP A 36 5.74 -5.27 18.90
C ASP A 36 4.36 -5.84 18.56
N GLY A 37 4.30 -7.12 18.23
CA GLY A 37 3.07 -7.74 17.74
C GLY A 37 1.89 -7.85 18.70
N ILE A 38 2.07 -7.38 19.95
CA ILE A 38 1.00 -7.33 20.93
C ILE A 38 0.81 -5.90 21.47
N GLN A 39 1.35 -4.91 20.75
CA GLN A 39 1.21 -3.50 21.10
C GLN A 39 1.88 -3.08 22.44
N ARG A 40 2.98 -3.73 22.79
CA ARG A 40 3.83 -3.27 23.90
C ARG A 40 4.84 -2.28 23.32
N PRO A 41 5.01 -1.09 23.94
CA PRO A 41 5.97 -0.12 23.39
C PRO A 41 7.43 -0.58 23.39
N LEU A 42 8.26 0.17 22.69
CA LEU A 42 9.65 -0.23 22.39
C LEU A 42 10.63 0.03 23.53
N GLU A 43 11.66 -0.80 23.58
CA GLU A 43 12.77 -0.63 24.51
C GLU A 43 14.09 -0.52 23.72
N VAL A 44 14.67 0.68 23.67
CA VAL A 44 15.97 0.90 23.04
C VAL A 44 17.10 0.32 23.90
N ILE A 45 18.10 -0.28 23.25
CA ILE A 45 19.20 -0.93 23.95
C ILE A 45 20.56 -0.39 23.50
N ARG A 46 21.57 -0.58 24.34
CA ARG A 46 22.95 -0.22 24.03
C ARG A 46 23.43 -0.90 22.73
N GLU A 47 24.34 -0.24 22.02
CA GLU A 47 24.82 -0.74 20.73
C GLU A 47 25.52 -2.10 20.86
N LYS A 48 26.63 -2.12 21.59
CA LYS A 48 27.41 -3.34 21.84
C LYS A 48 27.84 -4.05 20.55
N THR A 49 27.05 -5.02 20.08
CA THR A 49 27.35 -5.78 18.86
C THR A 49 26.31 -5.47 17.79
N GLY A 50 26.75 -5.40 16.54
CA GLY A 50 25.89 -5.01 15.43
C GLY A 50 25.66 -3.52 15.43
N ASP A 51 24.47 -3.09 15.87
CA ASP A 51 24.16 -1.67 16.01
C ASP A 51 23.00 -1.43 16.99
N PHE A 52 21.83 -2.02 16.69
CA PHE A 52 20.66 -1.94 17.60
C PHE A 52 19.81 -3.20 17.55
N ILE A 53 19.00 -3.37 18.59
CA ILE A 53 18.11 -4.53 18.74
C ILE A 53 17.08 -4.21 19.83
N ALA A 54 15.84 -4.67 19.64
CA ALA A 54 14.75 -4.27 20.54
C ALA A 54 13.87 -5.44 20.98
N ARG A 55 13.20 -5.25 22.12
CA ARG A 55 12.29 -6.24 22.68
C ARG A 55 11.08 -5.54 23.29
N GLY A 56 9.92 -6.19 23.23
CA GLY A 56 8.69 -5.65 23.81
C GLY A 56 8.63 -5.86 25.31
N VAL A 57 8.22 -4.82 26.04
CA VAL A 57 8.15 -4.85 27.49
C VAL A 57 6.76 -4.41 27.97
N THR A 58 6.22 -5.11 28.98
CA THR A 58 4.86 -4.89 29.46
C THR A 58 4.68 -3.47 30.02
N ALA A 59 3.82 -2.70 29.36
CA ALA A 59 3.61 -1.30 29.68
C ALA A 59 2.36 -0.80 28.94
N PRO A 60 1.87 0.42 29.25
CA PRO A 60 0.70 0.94 28.54
C PRO A 60 0.97 1.26 27.07
N ALA A 61 0.09 0.79 26.18
CA ALA A 61 0.19 1.06 24.74
C ALA A 61 0.02 2.54 24.40
N LEU A 62 -0.83 3.23 25.15
CA LEU A 62 -1.01 4.68 24.99
C LEU A 62 -0.72 5.40 26.30
N PRO A 63 0.00 6.54 26.25
CA PRO A 63 0.32 7.26 27.49
C PRO A 63 -0.91 7.80 28.23
N ARG A 64 -0.98 7.52 29.52
CA ARG A 64 -2.07 8.00 30.37
C ARG A 64 -1.81 9.42 30.86
N ASP A 65 -0.58 9.89 30.69
CA ASP A 65 -0.13 11.17 31.26
C ASP A 65 -0.36 12.40 30.36
N LYS A 66 -0.25 12.24 29.04
CA LYS A 66 -0.34 13.38 28.12
C LYS A 66 -1.76 13.92 27.96
N LYS A 67 -1.86 15.25 27.83
CA LYS A 67 -3.14 15.93 27.65
C LYS A 67 -3.42 16.20 26.16
N TRP A 68 -4.53 15.65 25.67
CA TRP A 68 -4.96 15.84 24.29
C TRP A 68 -6.07 16.85 24.23
N HIS A 69 -6.08 17.65 23.17
CA HIS A 69 -7.11 18.65 22.98
C HIS A 69 -8.36 18.04 22.35
N PHE A 70 -9.45 18.01 23.11
CA PHE A 70 -10.74 17.47 22.64
C PHE A 70 -11.63 18.56 22.11
N ILE A 71 -12.13 18.40 20.88
CA ILE A 71 -13.15 19.28 20.33
C ILE A 71 -14.44 18.48 20.19
N PRO A 72 -15.51 18.87 20.89
CA PRO A 72 -16.75 18.12 20.74
C PRO A 72 -17.39 18.33 19.36
N LYS A 73 -18.02 17.29 18.83
CA LYS A 73 -18.75 17.36 17.57
C LYS A 73 -20.16 16.79 17.69
N ALA A 74 -20.62 16.65 18.91
CA ALA A 74 -21.97 16.17 19.20
C ALA A 74 -22.47 16.90 20.44
N LYS A 75 -23.77 16.83 20.71
CA LYS A 75 -24.35 17.51 21.87
C LYS A 75 -25.37 16.67 22.62
N VAL A 76 -25.76 17.16 23.80
CA VAL A 76 -26.70 16.46 24.66
C VAL A 76 -28.03 16.34 23.94
N GLY A 77 -28.53 15.12 23.82
CA GLY A 77 -29.77 14.86 23.07
C GLY A 77 -29.57 14.18 21.73
N ASP A 78 -28.36 14.25 21.16
CA ASP A 78 -28.09 13.60 19.88
C ASP A 78 -28.21 12.08 19.98
N LYS A 79 -28.92 11.50 19.04
CA LYS A 79 -28.98 10.03 18.89
C LYS A 79 -27.67 9.57 18.23
N VAL A 80 -27.21 8.38 18.59
CA VAL A 80 -25.86 7.95 18.26
C VAL A 80 -25.77 6.42 18.06
N VAL A 81 -24.91 6.00 17.15
CA VAL A 81 -24.64 4.57 16.94
C VAL A 81 -23.14 4.33 16.90
N GLY A 82 -22.73 3.06 16.93
CA GLY A 82 -21.32 2.73 16.77
C GLY A 82 -20.73 3.42 15.55
N GLY A 83 -19.52 3.93 15.69
CA GLY A 83 -18.83 4.59 14.58
C GLY A 83 -19.10 6.08 14.47
N ASP A 84 -20.18 6.56 15.09
CA ASP A 84 -20.49 7.99 15.08
C ASP A 84 -19.38 8.77 15.75
N ILE A 85 -19.05 9.90 15.14
CA ILE A 85 -17.92 10.69 15.55
C ILE A 85 -18.46 11.73 16.52
N ILE A 86 -18.05 11.61 17.77
CA ILE A 86 -18.55 12.51 18.82
C ILE A 86 -17.55 13.60 19.17
N GLY A 87 -16.31 13.47 18.66
CA GLY A 87 -15.32 14.54 18.77
C GLY A 87 -14.09 14.37 17.89
N GLU A 88 -13.19 15.35 17.96
CA GLU A 88 -11.93 15.36 17.21
C GLU A 88 -10.75 15.70 18.13
N VAL A 89 -9.59 15.14 17.81
CA VAL A 89 -8.36 15.44 18.53
C VAL A 89 -7.20 15.57 17.54
N PRO A 90 -6.65 16.79 17.39
CA PRO A 90 -5.38 16.92 16.67
C PRO A 90 -4.30 16.07 17.33
N GLU A 91 -4.01 14.91 16.75
CA GLU A 91 -3.02 13.99 17.30
C GLU A 91 -1.61 14.39 16.85
N THR A 92 -1.55 15.16 15.77
CA THR A 92 -0.36 15.31 14.96
C THR A 92 -0.63 16.45 14.00
N SER A 93 0.42 17.03 13.42
CA SER A 93 0.25 18.19 12.50
C SER A 93 -0.42 17.81 11.17
N ILE A 94 -0.33 16.54 10.78
CA ILE A 94 -1.02 16.01 9.60
C ILE A 94 -2.44 15.46 9.89
N ILE A 95 -2.58 14.64 10.93
CA ILE A 95 -3.78 13.82 11.13
C ILE A 95 -4.66 14.24 12.30
N VAL A 96 -5.92 14.55 11.99
CA VAL A 96 -6.96 14.73 13.01
C VAL A 96 -7.49 13.35 13.44
N HIS A 97 -7.40 13.05 14.72
CA HIS A 97 -7.90 11.81 15.26
C HIS A 97 -9.39 11.96 15.54
N LYS A 98 -10.22 11.12 14.91
CA LYS A 98 -11.67 11.19 15.08
C LYS A 98 -12.10 10.29 16.22
N ILE A 99 -12.77 10.85 17.23
CA ILE A 99 -13.20 10.05 18.39
C ILE A 99 -14.58 9.46 18.14
N MET A 100 -14.66 8.14 18.12
CA MET A 100 -15.85 7.44 17.67
C MET A 100 -16.51 6.63 18.78
N VAL A 101 -17.83 6.51 18.70
CA VAL A 101 -18.57 5.64 19.59
C VAL A 101 -18.12 4.21 19.28
N PRO A 102 -17.71 3.45 20.31
CA PRO A 102 -17.31 2.07 20.07
C PRO A 102 -18.43 1.24 19.42
N PRO A 103 -18.06 0.22 18.62
CA PRO A 103 -19.09 -0.60 18.00
C PRO A 103 -19.95 -1.30 19.04
N GLY A 104 -21.24 -1.42 18.76
CA GLY A 104 -22.18 -2.09 19.66
C GLY A 104 -22.77 -1.19 20.72
N ILE A 105 -22.39 0.09 20.72
CA ILE A 105 -22.98 1.07 21.63
C ILE A 105 -23.86 2.01 20.81
N GLU A 106 -25.06 2.25 21.30
CA GLU A 106 -25.96 3.22 20.70
C GLU A 106 -26.87 3.80 21.75
N GLY A 107 -27.48 4.94 21.43
CA GLY A 107 -28.42 5.57 22.34
C GLY A 107 -28.34 7.07 22.30
N GLU A 108 -28.70 7.71 23.41
CA GLU A 108 -28.72 9.16 23.50
C GLU A 108 -27.51 9.66 24.27
N ILE A 109 -26.87 10.71 23.74
CA ILE A 109 -25.81 11.38 24.47
C ILE A 109 -26.47 12.15 25.61
N VAL A 110 -26.18 11.75 26.84
CA VAL A 110 -26.69 12.45 28.02
C VAL A 110 -25.64 13.35 28.66
N GLU A 111 -24.39 13.26 28.20
CA GLU A 111 -23.30 14.07 28.74
C GLU A 111 -22.13 14.03 27.77
N ILE A 112 -21.62 15.21 27.41
CA ILE A 112 -20.41 15.30 26.60
C ILE A 112 -19.50 16.42 27.10
N ALA A 113 -18.19 16.15 27.15
CA ALA A 113 -17.20 17.11 27.62
C ALA A 113 -17.17 18.33 26.71
N GLU A 114 -16.95 19.49 27.30
CA GLU A 114 -16.73 20.72 26.53
C GLU A 114 -15.30 20.71 26.00
N GLU A 115 -15.00 21.62 25.07
CA GLU A 115 -13.67 21.71 24.48
C GLU A 115 -12.63 22.00 25.56
N GLY A 116 -11.60 21.15 25.61
CA GLY A 116 -10.54 21.30 26.59
C GLY A 116 -9.45 20.25 26.42
N ASP A 117 -8.55 20.18 27.40
CA ASP A 117 -7.43 19.25 27.36
C ASP A 117 -7.66 18.12 28.35
N TYR A 118 -7.47 16.89 27.90
CA TYR A 118 -7.80 15.72 28.72
C TYR A 118 -6.85 14.58 28.42
N THR A 119 -6.61 13.73 29.42
CA THR A 119 -5.90 12.47 29.20
C THR A 119 -6.91 11.42 28.79
N ILE A 120 -6.42 10.26 28.33
CA ILE A 120 -7.27 9.27 27.67
C ILE A 120 -8.17 8.44 28.59
N GLU A 121 -7.88 8.42 29.89
CA GLU A 121 -8.75 7.71 30.84
C GLU A 121 -9.95 8.56 31.27
N GLU A 122 -9.92 9.85 30.96
CA GLU A 122 -11.01 10.74 31.31
C GLU A 122 -12.26 10.46 30.46
N VAL A 123 -13.42 10.44 31.11
CA VAL A 123 -14.67 10.19 30.42
C VAL A 123 -15.09 11.47 29.70
N ILE A 124 -15.16 11.42 28.38
CA ILE A 124 -15.52 12.61 27.60
C ILE A 124 -16.96 12.60 27.12
N ALA A 125 -17.66 11.48 27.32
CA ALA A 125 -19.07 11.41 26.98
C ALA A 125 -19.77 10.27 27.69
N LYS A 126 -21.09 10.40 27.82
CA LYS A 126 -21.93 9.33 28.35
C LYS A 126 -23.11 9.14 27.44
N VAL A 127 -23.42 7.88 27.16
CA VAL A 127 -24.52 7.52 26.28
C VAL A 127 -25.51 6.61 27.02
N LYS A 128 -26.79 6.93 26.93
CA LYS A 128 -27.83 6.13 27.53
C LYS A 128 -28.40 5.20 26.45
N THR A 129 -28.24 3.89 26.64
CA THR A 129 -28.72 2.93 25.66
C THR A 129 -30.25 2.83 25.73
N PRO A 130 -30.88 2.22 24.72
CA PRO A 130 -32.35 2.11 24.74
C PRO A 130 -32.92 1.49 26.03
N SER A 131 -32.21 0.54 26.65
CA SER A 131 -32.66 -0.06 27.90
C SER A 131 -32.37 0.83 29.12
N GLY A 132 -31.60 1.90 28.92
CA GLY A 132 -31.35 2.90 29.96
C GLY A 132 -29.99 2.74 30.60
N GLU A 133 -29.20 1.80 30.11
CA GLU A 133 -27.84 1.62 30.60
C GLU A 133 -27.00 2.83 30.19
N ILE A 134 -26.28 3.41 31.15
CA ILE A 134 -25.40 4.54 30.89
C ILE A 134 -23.98 4.04 30.60
N LYS A 135 -23.49 4.30 29.40
CA LYS A 135 -22.15 3.87 28.97
C LYS A 135 -21.18 5.04 28.93
N GLU A 136 -20.00 4.84 29.49
CA GLU A 136 -18.97 5.87 29.58
C GLU A 136 -17.97 5.76 28.42
N LEU A 137 -17.90 6.81 27.60
CA LEU A 137 -16.99 6.83 26.45
C LEU A 137 -15.77 7.67 26.75
N LYS A 138 -14.62 7.15 26.34
CA LYS A 138 -13.33 7.81 26.50
C LYS A 138 -12.75 8.08 25.12
N MET A 139 -11.55 8.67 25.09
CA MET A 139 -10.89 8.96 23.82
C MET A 139 -10.28 7.72 23.14
N TYR A 140 -10.24 6.60 23.84
CA TYR A 140 -9.75 5.36 23.25
C TYR A 140 -10.75 4.23 23.47
N GLN A 141 -10.52 3.12 22.78
CA GLN A 141 -11.39 1.97 22.87
C GLN A 141 -10.51 0.74 22.73
N ARG A 142 -11.01 -0.40 23.16
CA ARG A 142 -10.28 -1.66 23.05
C ARG A 142 -11.01 -2.52 22.08
N TRP A 143 -10.25 -3.33 21.34
CA TRP A 143 -10.85 -4.27 20.40
C TRP A 143 -10.04 -5.55 20.35
N PRO A 144 -10.70 -6.71 20.20
CA PRO A 144 -9.90 -7.93 20.10
C PRO A 144 -9.29 -8.06 18.71
N VAL A 145 -7.95 -8.16 18.66
CA VAL A 145 -7.23 -8.12 17.39
C VAL A 145 -7.65 -9.23 16.43
N ARG A 146 -8.16 -10.34 16.95
CA ARG A 146 -8.58 -11.48 16.12
C ARG A 146 -10.03 -11.42 15.60
N VAL A 147 -10.70 -10.28 15.82
CA VAL A 147 -12.08 -10.10 15.36
C VAL A 147 -12.14 -8.92 14.40
N LYS A 148 -12.69 -9.16 13.21
CA LYS A 148 -12.94 -8.08 12.24
C LYS A 148 -13.65 -6.92 12.91
N ARG A 149 -13.08 -5.72 12.83
CA ARG A 149 -13.85 -4.54 13.20
C ARG A 149 -15.02 -4.40 12.21
N PRO A 150 -16.26 -4.34 12.71
CA PRO A 150 -17.41 -4.42 11.81
C PRO A 150 -17.59 -3.16 10.95
N TYR A 151 -18.38 -3.28 9.91
CA TYR A 151 -18.68 -2.17 9.00
C TYR A 151 -20.05 -2.45 8.41
N LYS A 152 -20.61 -1.49 7.68
CA LYS A 152 -21.93 -1.68 7.08
C LYS A 152 -21.86 -2.54 5.83
N GLU A 153 -20.88 -2.26 4.97
CA GLU A 153 -20.79 -2.95 3.71
C GLU A 153 -19.39 -2.88 3.13
N LYS A 154 -18.90 -4.00 2.62
CA LYS A 154 -17.66 -4.03 1.87
C LYS A 154 -17.94 -3.72 0.40
N LEU A 155 -17.43 -2.58 -0.07
CA LEU A 155 -17.68 -2.12 -1.44
C LEU A 155 -16.79 -2.87 -2.41
N PRO A 156 -17.28 -3.09 -3.65
CA PRO A 156 -16.42 -3.79 -4.61
C PRO A 156 -15.27 -2.89 -5.08
N PRO A 157 -14.13 -3.49 -5.41
CA PRO A 157 -12.99 -2.71 -5.91
C PRO A 157 -13.42 -1.71 -6.98
N GLU A 158 -13.01 -0.46 -6.84
CA GLU A 158 -13.54 0.62 -7.68
C GLU A 158 -12.57 1.78 -7.92
N VAL A 159 -11.96 2.25 -6.83
CA VAL A 159 -11.08 3.41 -6.86
C VAL A 159 -9.66 2.90 -6.78
N PRO A 160 -8.77 3.40 -7.66
CA PRO A 160 -7.43 2.80 -7.79
C PRO A 160 -6.46 2.79 -6.60
N LEU A 161 -6.33 3.83 -5.80
CA LEU A 161 -5.10 3.92 -4.95
C LEU A 161 -3.92 4.28 -5.83
N ILE A 162 -3.76 5.58 -6.02
CA ILE A 162 -2.74 6.14 -6.88
C ILE A 162 -1.40 6.11 -6.15
N THR A 163 -0.44 5.34 -6.70
CA THR A 163 0.90 5.27 -6.16
C THR A 163 1.80 6.35 -6.74
N GLY A 164 1.43 6.89 -7.90
CA GLY A 164 2.30 7.78 -8.64
C GLY A 164 3.45 7.12 -9.39
N GLN A 165 3.50 5.79 -9.35
CA GLN A 165 4.51 5.03 -10.08
C GLN A 165 3.83 4.46 -11.33
N ARG A 166 4.34 4.85 -12.50
CA ARG A 166 3.69 4.64 -13.80
C ARG A 166 3.39 3.19 -14.09
N VAL A 167 4.37 2.32 -13.89
CA VAL A 167 4.19 0.92 -14.20
C VAL A 167 3.06 0.31 -13.36
N ILE A 168 2.98 0.71 -12.09
CA ILE A 168 1.95 0.19 -11.19
C ILE A 168 0.57 0.73 -11.56
N ASP A 169 0.44 2.05 -11.58
CA ASP A 169 -0.88 2.65 -11.77
C ASP A 169 -1.48 2.31 -13.13
N THR A 170 -0.61 2.16 -14.13
CA THR A 170 -1.03 1.95 -15.51
C THR A 170 -1.28 0.46 -15.78
N PHE A 171 -0.26 -0.36 -15.51
CA PHE A 171 -0.29 -1.75 -15.91
C PHE A 171 -0.75 -2.72 -14.84
N PHE A 172 -0.38 -2.47 -13.59
CA PHE A 172 -0.68 -3.40 -12.49
C PHE A 172 -1.32 -2.67 -11.29
N PRO A 173 -2.49 -2.05 -11.52
CA PRO A 173 -3.12 -1.18 -10.52
C PRO A 173 -3.50 -1.89 -9.24
N GLN A 174 -3.28 -1.20 -8.13
CA GLN A 174 -3.79 -1.63 -6.85
C GLN A 174 -5.08 -0.86 -6.67
N ALA A 175 -6.09 -1.48 -6.06
CA ALA A 175 -7.33 -0.79 -5.73
C ALA A 175 -7.30 -0.39 -4.25
N LYS A 176 -7.95 0.71 -3.92
CA LYS A 176 -8.16 1.01 -2.52
C LYS A 176 -8.98 -0.14 -1.92
N GLY A 177 -8.45 -0.75 -0.86
CA GLY A 177 -9.07 -1.91 -0.26
C GLY A 177 -8.57 -3.23 -0.82
N GLY A 178 -7.61 -3.17 -1.73
CA GLY A 178 -7.13 -4.35 -2.46
C GLY A 178 -5.91 -5.01 -1.81
N THR A 179 -5.55 -6.16 -2.37
CA THR A 179 -4.48 -6.98 -1.83
C THR A 179 -3.36 -7.15 -2.86
N ALA A 180 -2.16 -6.71 -2.51
CA ALA A 180 -1.00 -6.76 -3.38
C ALA A 180 0.18 -7.45 -2.68
N ALA A 181 1.01 -8.12 -3.46
CA ALA A 181 2.23 -8.72 -2.97
C ALA A 181 3.45 -8.31 -3.81
N ILE A 182 4.60 -8.33 -3.16
CA ILE A 182 5.88 -7.98 -3.75
C ILE A 182 6.93 -8.98 -3.21
N PRO A 183 7.94 -9.36 -4.01
CA PRO A 183 8.91 -10.29 -3.45
C PRO A 183 9.78 -9.67 -2.36
N GLY A 184 10.14 -10.47 -1.35
CA GLY A 184 11.01 -10.03 -0.27
C GLY A 184 12.49 -10.11 -0.60
N ALA A 185 12.82 -10.84 -1.66
CA ALA A 185 14.21 -11.02 -2.10
C ALA A 185 14.96 -9.69 -2.22
N PHE A 186 16.14 -9.63 -1.61
CA PHE A 186 16.94 -8.39 -1.57
C PHE A 186 17.67 -8.16 -2.87
N GLY A 187 18.16 -6.94 -3.05
CA GLY A 187 19.05 -6.59 -4.17
C GLY A 187 18.35 -6.30 -5.49
N CYS A 188 17.12 -5.82 -5.43
CA CYS A 188 16.37 -5.43 -6.62
C CYS A 188 15.49 -4.18 -6.39
N GLY A 189 15.92 -3.32 -5.47
CA GLY A 189 15.25 -2.06 -5.20
C GLY A 189 13.90 -2.17 -4.49
N LYS A 190 13.73 -3.24 -3.70
CA LYS A 190 12.50 -3.40 -2.93
C LYS A 190 12.37 -2.24 -1.92
N THR A 191 13.46 -1.91 -1.27
CA THR A 191 13.44 -0.86 -0.27
C THR A 191 13.06 0.49 -0.89
N VAL A 192 13.59 0.81 -2.08
CA VAL A 192 13.20 2.06 -2.75
C VAL A 192 11.71 2.04 -3.04
N THR A 193 11.21 0.91 -3.54
CA THR A 193 9.83 0.80 -4.00
C THR A 193 8.86 0.84 -2.82
N GLN A 194 9.13 0.07 -1.76
CA GLN A 194 8.28 0.13 -0.56
C GLN A 194 8.27 1.55 -0.02
N HIS A 195 9.45 2.16 0.02
CA HIS A 195 9.57 3.53 0.47
C HIS A 195 8.72 4.47 -0.38
N GLN A 196 8.80 4.33 -1.70
CA GLN A 196 8.00 5.17 -2.59
C GLN A 196 6.48 4.98 -2.34
N LEU A 197 6.07 3.73 -2.17
CA LEU A 197 4.66 3.42 -1.94
C LEU A 197 4.11 4.05 -0.66
N ALA A 198 4.85 3.86 0.44
CA ALA A 198 4.46 4.46 1.73
C ALA A 198 4.36 5.97 1.65
N LYS A 199 5.27 6.59 0.90
CA LYS A 199 5.37 8.05 0.86
C LYS A 199 4.36 8.71 -0.05
N TRP A 200 4.06 8.06 -1.17
CA TRP A 200 3.27 8.70 -2.22
C TRP A 200 1.85 8.16 -2.43
N SER A 201 1.55 6.95 -2.00
CA SER A 201 0.20 6.42 -2.18
C SER A 201 -0.82 7.34 -1.51
N ASP A 202 -1.98 7.53 -2.15
CA ASP A 202 -2.98 8.42 -1.56
C ASP A 202 -3.81 7.73 -0.46
N ALA A 203 -3.09 7.20 0.53
CA ALA A 203 -3.65 6.82 1.84
C ALA A 203 -3.16 7.90 2.79
N GLN A 204 -3.98 8.24 3.78
CA GLN A 204 -3.60 9.25 4.76
C GLN A 204 -2.72 8.64 5.85
N VAL A 205 -2.86 7.34 6.09
CA VAL A 205 -2.19 6.70 7.21
C VAL A 205 -1.54 5.43 6.71
N VAL A 206 -0.37 5.14 7.25
CA VAL A 206 0.42 3.96 6.89
C VAL A 206 0.69 3.11 8.13
N ILE A 207 0.45 1.82 8.03
CA ILE A 207 0.80 0.87 9.08
C ILE A 207 1.85 -0.10 8.54
N TYR A 208 3.08 -0.02 9.06
CA TYR A 208 4.20 -0.88 8.63
C TYR A 208 4.53 -1.93 9.69
N ILE A 209 4.58 -3.20 9.30
CA ILE A 209 4.61 -4.31 10.26
C ILE A 209 5.99 -4.91 10.54
N GLY A 210 6.82 -5.08 9.52
CA GLY A 210 8.11 -5.75 9.71
C GLY A 210 9.26 -4.78 9.94
N CYS A 211 10.21 -5.17 10.78
CA CYS A 211 11.40 -4.36 11.05
C CYS A 211 12.66 -5.17 11.42
N GLY A 212 12.71 -6.44 11.02
CA GLY A 212 13.84 -7.31 11.40
C GLY A 212 14.21 -8.37 10.38
N GLU A 213 14.05 -8.07 9.10
CA GLU A 213 14.45 -8.99 8.03
C GLU A 213 15.97 -9.02 7.87
N ARG A 214 16.62 -7.89 8.15
CA ARG A 214 18.08 -7.81 8.20
C ARG A 214 18.53 -7.59 9.63
N GLY A 215 19.79 -7.93 9.92
CA GLY A 215 20.36 -7.77 11.27
C GLY A 215 20.48 -6.32 11.70
N ASN A 216 20.68 -5.43 10.73
CA ASN A 216 20.78 -3.99 10.99
C ASN A 216 19.54 -3.21 10.52
N GLU A 217 18.37 -3.84 10.60
CA GLU A 217 17.13 -3.20 10.18
C GLU A 217 16.51 -2.37 11.31
N MET A 218 16.64 -2.85 12.55
CA MET A 218 16.15 -2.10 13.71
C MET A 218 16.87 -0.75 13.85
N THR A 219 18.21 -0.76 13.69
CA THR A 219 18.99 0.47 13.78
C THR A 219 18.59 1.51 12.73
N ASP A 220 18.29 1.05 11.52
CA ASP A 220 17.88 1.96 10.44
C ASP A 220 16.50 2.54 10.71
N VAL A 221 15.63 1.77 11.35
CA VAL A 221 14.29 2.23 11.73
C VAL A 221 14.38 3.28 12.84
N LEU A 222 15.13 2.98 13.89
CA LEU A 222 15.22 3.88 15.04
C LEU A 222 15.97 5.17 14.71
N GLU A 223 17.00 5.07 13.87
CA GLU A 223 17.82 6.22 13.50
C GLU A 223 17.16 7.09 12.41
N GLU A 224 16.75 6.46 11.32
CA GLU A 224 16.40 7.18 10.10
C GLU A 224 14.93 7.57 9.96
N PHE A 225 14.02 6.66 10.33
CA PHE A 225 12.57 6.90 10.13
C PHE A 225 12.03 8.21 10.74
N PRO A 226 12.60 8.65 11.89
CA PRO A 226 12.20 9.97 12.41
C PRO A 226 12.67 11.14 11.55
N LYS A 227 13.70 10.94 10.74
CA LYS A 227 14.22 11.97 9.84
C LYS A 227 13.42 12.05 8.54
N LEU A 228 12.81 10.94 8.14
CA LEU A 228 12.04 10.86 6.90
C LEU A 228 10.87 11.84 6.91
N LYS A 229 10.63 12.49 5.77
CA LYS A 229 9.59 13.51 5.67
C LYS A 229 8.51 13.13 4.66
N ASP A 230 7.25 13.35 5.05
CA ASP A 230 6.12 13.18 4.17
C ASP A 230 6.18 14.27 3.10
N PRO A 231 6.40 13.88 1.82
CA PRO A 231 6.63 14.88 0.78
C PRO A 231 5.40 15.70 0.43
N LYS A 232 4.22 15.23 0.81
CA LYS A 232 2.98 15.95 0.56
C LYS A 232 2.81 17.15 1.48
N THR A 233 3.40 17.07 2.68
CA THR A 233 3.27 18.13 3.70
C THR A 233 4.57 18.81 4.13
N GLY A 234 5.70 18.11 3.99
CA GLY A 234 6.96 18.59 4.53
C GLY A 234 7.19 18.15 5.97
N LYS A 235 6.15 17.65 6.62
CA LYS A 235 6.24 17.20 8.00
C LYS A 235 6.78 15.77 8.07
N PRO A 236 7.16 15.30 9.26
CA PRO A 236 7.71 13.95 9.36
C PRO A 236 6.69 12.86 8.98
N LEU A 237 7.17 11.83 8.28
CA LEU A 237 6.35 10.69 7.87
C LEU A 237 5.85 9.89 9.06
N MET A 238 6.61 9.90 10.16
CA MET A 238 6.23 9.21 11.41
C MET A 238 4.88 9.71 11.92
N GLU A 239 4.58 10.97 11.63
CA GLU A 239 3.35 11.60 12.07
C GLU A 239 2.08 11.14 11.35
N ARG A 240 2.21 10.24 10.37
CA ARG A 240 1.06 9.60 9.76
C ARG A 240 1.27 8.11 9.70
N THR A 241 2.16 7.60 10.56
CA THR A 241 2.59 6.22 10.52
C THR A 241 2.48 5.57 11.89
N VAL A 242 2.33 4.24 11.89
CA VAL A 242 2.42 3.40 13.08
C VAL A 242 3.34 2.24 12.71
N LEU A 243 4.37 1.99 13.52
CA LEU A 243 5.31 0.91 13.26
C LEU A 243 5.08 -0.25 14.22
N ILE A 244 5.11 -1.47 13.67
CA ILE A 244 5.12 -2.69 14.46
C ILE A 244 6.39 -3.43 14.07
N ALA A 245 6.98 -4.17 15.02
CA ALA A 245 8.30 -4.79 14.82
C ALA A 245 8.31 -6.30 15.11
N ASN A 246 9.00 -7.04 14.24
CA ASN A 246 9.16 -8.50 14.38
C ASN A 246 10.63 -8.88 14.26
N THR A 247 11.21 -9.45 15.32
CA THR A 247 12.63 -9.80 15.34
C THR A 247 12.88 -11.21 15.83
N SER A 248 14.10 -11.71 15.56
CA SER A 248 14.53 -13.04 15.94
C SER A 248 14.48 -13.28 17.45
N ASN A 249 14.77 -12.23 18.22
CA ASN A 249 14.79 -12.31 19.68
C ASN A 249 13.40 -12.26 20.35
N MET A 250 12.44 -11.61 19.69
CA MET A 250 11.05 -11.56 20.18
C MET A 250 10.40 -12.93 20.08
N PRO A 251 9.45 -13.24 21.00
CA PRO A 251 8.84 -14.57 20.99
C PRO A 251 8.01 -14.89 19.73
N VAL A 252 7.91 -16.18 19.43
CA VAL A 252 7.18 -16.68 18.27
C VAL A 252 5.71 -16.23 18.27
N ALA A 253 5.11 -16.19 19.46
CA ALA A 253 3.69 -15.85 19.61
C ALA A 253 3.38 -14.41 19.25
N ALA A 254 4.25 -13.48 19.67
CA ALA A 254 4.06 -12.07 19.39
C ALA A 254 4.07 -11.80 17.88
N ARG A 255 4.96 -12.48 17.17
CA ARG A 255 5.10 -12.29 15.72
C ARG A 255 3.92 -12.86 14.93
N GLU A 256 3.36 -13.96 15.40
CA GLU A 256 2.12 -14.51 14.82
C GLU A 256 0.96 -13.53 14.97
N ALA A 257 0.90 -12.86 16.11
CA ALA A 257 -0.17 -11.92 16.44
C ALA A 257 0.02 -10.54 15.79
N SER A 258 1.22 -10.30 15.28
CA SER A 258 1.61 -8.99 14.76
C SER A 258 0.75 -8.48 13.59
N ILE A 259 0.35 -9.38 12.70
CA ILE A 259 -0.45 -8.99 11.54
C ILE A 259 -1.88 -8.64 11.94
N TYR A 260 -2.35 -9.27 13.01
CA TYR A 260 -3.70 -9.05 13.52
C TYR A 260 -3.77 -7.73 14.27
N THR A 261 -2.73 -7.46 15.06
CA THR A 261 -2.56 -6.18 15.71
C THR A 261 -2.51 -5.05 14.69
N GLY A 262 -1.72 -5.24 13.63
CA GLY A 262 -1.55 -4.21 12.60
C GLY A 262 -2.83 -3.91 11.82
N ILE A 263 -3.51 -4.96 11.37
CA ILE A 263 -4.71 -4.76 10.55
C ILE A 263 -5.88 -4.25 11.37
N THR A 264 -5.92 -4.60 12.67
CA THR A 264 -6.90 -4.01 13.60
C THR A 264 -6.70 -2.50 13.72
N ILE A 265 -5.45 -2.05 13.84
CA ILE A 265 -5.19 -0.61 13.95
C ILE A 265 -5.53 0.08 12.63
N ALA A 266 -5.22 -0.58 11.52
CA ALA A 266 -5.60 -0.11 10.19
C ALA A 266 -7.13 0.02 10.09
N GLU A 267 -7.86 -1.02 10.48
CA GLU A 267 -9.32 -0.98 10.42
C GLU A 267 -9.87 0.20 11.22
N TYR A 268 -9.23 0.50 12.34
CA TYR A 268 -9.67 1.59 13.20
C TYR A 268 -9.54 2.96 12.55
N PHE A 269 -8.46 3.21 11.82
CA PHE A 269 -8.35 4.46 11.03
C PHE A 269 -9.29 4.45 9.81
N ARG A 270 -9.46 3.29 9.18
CA ARG A 270 -10.49 3.10 8.16
C ARG A 270 -11.86 3.57 8.64
N ASP A 271 -12.24 3.15 9.85
CA ASP A 271 -13.54 3.47 10.42
C ASP A 271 -13.78 4.96 10.56
N MET A 272 -12.71 5.74 10.68
CA MET A 272 -12.79 7.20 10.73
C MET A 272 -13.10 7.82 9.37
N GLY A 273 -12.99 7.03 8.30
CA GLY A 273 -13.12 7.57 6.94
C GLY A 273 -11.78 7.80 6.24
N TYR A 274 -10.69 7.26 6.79
CA TYR A 274 -9.38 7.38 6.15
C TYR A 274 -9.09 6.19 5.24
N ASP A 275 -8.29 6.45 4.22
CA ASP A 275 -7.68 5.38 3.42
C ASP A 275 -6.36 5.02 4.08
N VAL A 276 -6.14 3.73 4.33
CA VAL A 276 -5.01 3.27 5.09
C VAL A 276 -4.26 2.24 4.27
N ALA A 277 -2.94 2.30 4.31
CA ALA A 277 -2.08 1.31 3.67
C ALA A 277 -1.40 0.47 4.74
N LEU A 278 -1.71 -0.83 4.77
CA LEU A 278 -1.04 -1.75 5.64
C LEU A 278 0.05 -2.42 4.82
N MET A 279 1.30 -2.19 5.23
CA MET A 279 2.46 -2.76 4.53
C MET A 279 3.23 -3.74 5.42
N ALA A 280 3.34 -4.99 4.97
CA ALA A 280 4.03 -6.03 5.72
C ALA A 280 5.30 -6.49 4.97
N ASP A 281 6.44 -6.38 5.65
CA ASP A 281 7.71 -6.93 5.14
C ASP A 281 8.22 -8.11 5.97
N SER A 282 7.70 -8.26 7.19
CA SER A 282 8.08 -9.37 8.05
C SER A 282 7.53 -10.68 7.49
N THR A 283 8.28 -11.29 6.58
CA THR A 283 7.92 -12.59 6.01
C THR A 283 8.83 -13.71 6.54
N SER A 284 10.14 -13.47 6.62
CA SER A 284 11.08 -14.46 7.14
C SER A 284 10.99 -14.61 8.66
N ARG A 285 10.79 -13.49 9.36
CA ARG A 285 10.58 -13.49 10.81
C ARG A 285 9.21 -14.07 11.17
N TRP A 286 8.22 -13.79 10.33
CA TRP A 286 6.87 -14.33 10.48
C TRP A 286 6.82 -15.83 10.13
N ALA A 287 7.58 -16.23 9.11
CA ALA A 287 7.58 -17.63 8.65
C ALA A 287 8.21 -18.59 9.66
N GLU A 288 9.27 -18.16 10.33
CA GLU A 288 9.95 -19.00 11.33
C GLU A 288 9.11 -19.17 12.62
N ALA A 289 7.98 -18.47 12.70
CA ALA A 289 6.96 -18.72 13.72
C ALA A 289 6.26 -20.08 13.55
N LEU A 290 6.50 -20.75 12.42
CA LEU A 290 6.13 -22.17 12.24
C LEU A 290 6.71 -22.98 13.40
N ARG A 291 5.87 -23.83 14.00
CA ARG A 291 6.22 -24.47 15.27
C ARG A 291 5.87 -25.95 15.29
N GLU A 292 6.55 -26.68 16.18
CA GLU A 292 6.25 -28.09 16.44
C GLU A 292 4.99 -28.18 17.30
N ILE A 293 3.93 -28.74 16.73
CA ILE A 293 2.68 -28.97 17.45
C ILE A 293 2.44 -30.49 17.53
N SER A 294 3.41 -31.19 18.10
CA SER A 294 3.38 -32.65 18.21
C SER A 294 2.40 -33.08 19.29
N GLY A 295 1.19 -33.44 18.88
CA GLY A 295 0.15 -33.87 19.82
C GLY A 295 -1.21 -34.03 19.18
N ARG A 296 -2.01 -34.94 19.72
CA ARG A 296 -3.37 -35.23 19.26
C ARG A 296 -3.39 -35.89 17.88
N GLY A 305 -2.05 -26.14 10.57
CA GLY A 305 -2.25 -26.67 11.91
C GLY A 305 -2.17 -28.19 11.95
N TYR A 306 -2.93 -28.83 11.07
CA TYR A 306 -2.97 -30.29 10.95
C TYR A 306 -2.72 -30.72 9.49
N PRO A 307 -2.48 -32.03 9.25
CA PRO A 307 -2.30 -32.51 7.87
C PRO A 307 -3.57 -32.46 7.01
N ALA A 308 -4.73 -32.28 7.64
CA ALA A 308 -6.00 -32.13 6.91
C ALA A 308 -6.02 -30.84 6.06
N TYR A 309 -5.60 -29.73 6.67
CA TYR A 309 -5.50 -28.45 5.96
C TYR A 309 -4.44 -27.53 6.60
N LEU A 310 -3.77 -26.73 5.76
CA LEU A 310 -2.71 -25.83 6.21
C LEU A 310 -3.28 -24.62 6.95
N ALA A 311 -2.39 -23.76 7.47
CA ALA A 311 -2.80 -22.54 8.16
C ALA A 311 -3.45 -21.54 7.19
N SER A 312 -4.76 -21.68 7.01
CA SER A 312 -5.51 -20.83 6.08
C SER A 312 -6.14 -19.61 6.75
N LYS A 313 -5.63 -19.24 7.93
CA LYS A 313 -6.02 -17.98 8.57
C LYS A 313 -5.34 -16.79 7.88
N LEU A 314 -4.27 -17.06 7.13
CA LEU A 314 -3.63 -16.05 6.27
C LEU A 314 -4.59 -15.57 5.19
N ALA A 315 -5.52 -16.43 4.79
CA ALA A 315 -6.62 -16.03 3.92
C ALA A 315 -7.52 -15.04 4.65
N GLU A 316 -7.88 -15.38 5.89
CA GLU A 316 -8.76 -14.52 6.70
C GLU A 316 -8.11 -13.19 7.07
N PHE A 317 -6.78 -13.15 7.09
CA PHE A 317 -6.05 -11.88 7.25
C PHE A 317 -6.31 -11.00 6.03
N TYR A 318 -5.98 -11.52 4.85
CA TYR A 318 -6.17 -10.78 3.60
C TYR A 318 -7.67 -10.48 3.33
N GLU A 319 -8.54 -11.32 3.87
CA GLU A 319 -9.98 -11.10 3.82
C GLU A 319 -10.42 -9.83 4.55
N ARG A 320 -9.63 -9.37 5.51
CA ARG A 320 -9.94 -8.16 6.28
C ARG A 320 -9.58 -6.87 5.55
N ALA A 321 -8.84 -6.99 4.45
CA ALA A 321 -8.62 -5.86 3.55
C ALA A 321 -9.94 -5.51 2.85
N GLY A 322 -10.11 -4.24 2.51
CA GLY A 322 -11.27 -3.82 1.74
C GLY A 322 -11.56 -2.34 1.94
N ARG A 323 -12.29 -1.78 0.97
CA ARG A 323 -12.94 -0.48 1.12
C ARG A 323 -14.38 -0.71 1.61
N VAL A 324 -14.81 0.04 2.63
CA VAL A 324 -16.08 -0.21 3.29
C VAL A 324 -16.89 1.05 3.54
N VAL A 325 -18.21 0.90 3.53
CA VAL A 325 -19.08 1.88 4.16
C VAL A 325 -18.93 1.56 5.64
N THR A 326 -18.52 2.54 6.43
CA THR A 326 -18.19 2.32 7.82
C THR A 326 -19.45 2.38 8.69
N LEU A 327 -19.32 1.93 9.95
CA LEU A 327 -20.34 2.19 10.96
C LEU A 327 -20.49 3.69 11.15
N GLY A 328 -21.70 4.11 11.52
CA GLY A 328 -21.99 5.52 11.79
C GLY A 328 -23.30 5.96 11.14
N SER A 329 -23.80 7.11 11.57
CA SER A 329 -25.07 7.66 11.05
C SER A 329 -24.87 8.37 9.71
N ASP A 330 -23.70 8.98 9.53
CA ASP A 330 -23.33 9.60 8.26
C ASP A 330 -22.82 8.52 7.29
N TYR A 331 -23.16 8.67 6.01
CA TYR A 331 -22.55 7.82 4.99
C TYR A 331 -21.07 8.14 4.96
N ARG A 332 -20.25 7.12 5.18
CA ARG A 332 -18.81 7.33 5.25
C ARG A 332 -18.06 6.12 4.73
N VAL A 333 -16.98 6.40 4.00
CA VAL A 333 -16.17 5.36 3.35
C VAL A 333 -14.72 5.47 3.79
N GLY A 334 -14.10 4.32 4.02
CA GLY A 334 -12.69 4.22 4.37
C GLY A 334 -12.17 2.90 3.82
N SER A 335 -10.85 2.71 3.82
CA SER A 335 -10.24 1.50 3.27
C SER A 335 -8.98 1.06 3.99
N VAL A 336 -8.71 -0.24 3.91
CA VAL A 336 -7.40 -0.78 4.21
C VAL A 336 -6.90 -1.54 2.99
N SER A 337 -5.85 -1.01 2.34
CA SER A 337 -5.16 -1.72 1.27
C SER A 337 -3.92 -2.40 1.83
N VAL A 338 -3.70 -3.64 1.41
CA VAL A 338 -2.60 -4.45 1.91
C VAL A 338 -1.53 -4.67 0.82
N ILE A 339 -0.29 -4.32 1.17
CA ILE A 339 0.89 -4.63 0.35
C ILE A 339 1.81 -5.50 1.21
N GLY A 340 1.94 -6.78 0.84
CA GLY A 340 2.69 -7.73 1.63
C GLY A 340 3.88 -8.31 0.90
N ALA A 341 5.02 -8.39 1.58
CA ALA A 341 6.22 -9.01 1.03
C ALA A 341 6.16 -10.53 1.18
N VAL A 342 6.41 -11.24 0.09
CA VAL A 342 6.39 -12.71 0.06
C VAL A 342 7.75 -13.18 -0.45
N SER A 343 8.19 -14.35 0.00
CA SER A 343 9.51 -14.86 -0.42
C SER A 343 9.61 -16.38 -0.36
N PRO A 344 10.41 -16.97 -1.28
CA PRO A 344 10.71 -18.40 -1.26
C PRO A 344 11.93 -18.71 -0.41
N PRO A 345 11.93 -19.86 0.30
CA PRO A 345 13.15 -20.31 0.98
C PRO A 345 14.29 -20.62 -0.01
N GLY A 346 13.95 -21.30 -1.11
CA GLY A 346 14.91 -21.60 -2.17
C GLY A 346 14.98 -20.51 -3.22
N GLY A 347 15.59 -20.82 -4.35
CA GLY A 347 15.73 -19.88 -5.46
C GLY A 347 14.42 -19.73 -6.23
N ASP A 348 13.89 -20.86 -6.69
CA ASP A 348 12.61 -20.88 -7.40
C ASP A 348 11.48 -20.63 -6.40
N PHE A 349 10.35 -20.09 -6.90
CA PHE A 349 9.20 -19.75 -6.07
C PHE A 349 8.81 -20.86 -5.09
N SER A 350 8.72 -22.09 -5.60
CA SER A 350 8.32 -23.26 -4.80
C SER A 350 6.84 -23.20 -4.38
N GLU A 351 5.99 -22.72 -5.29
CA GLU A 351 4.54 -22.67 -5.10
C GLU A 351 4.04 -21.93 -3.84
N PRO A 352 4.49 -20.67 -3.63
CA PRO A 352 4.03 -19.90 -2.48
C PRO A 352 2.72 -19.14 -2.72
N VAL A 353 2.46 -18.73 -3.96
CA VAL A 353 1.24 -17.98 -4.32
C VAL A 353 0.05 -18.92 -4.49
N VAL A 354 0.32 -20.14 -4.97
CA VAL A 354 -0.72 -21.17 -5.09
C VAL A 354 -0.87 -22.01 -3.79
N GLN A 355 0.05 -21.83 -2.85
CA GLN A 355 -0.07 -22.45 -1.51
C GLN A 355 -1.28 -21.89 -0.77
N ASN A 356 -1.28 -20.58 -0.56
CA ASN A 356 -2.37 -19.90 0.16
C ASN A 356 -3.65 -19.79 -0.67
N THR A 357 -4.65 -20.59 -0.30
CA THR A 357 -5.96 -20.65 -0.97
C THR A 357 -5.89 -20.66 -2.51
N LEU A 358 -6.91 -20.10 -3.18
CA LEU A 358 -6.91 -19.98 -4.63
C LEU A 358 -6.70 -18.52 -5.04
N ARG A 359 -5.49 -18.01 -4.81
CA ARG A 359 -5.09 -16.64 -5.16
C ARG A 359 -5.91 -15.58 -4.41
N VAL A 360 -5.51 -15.33 -3.16
CA VAL A 360 -6.11 -14.26 -2.34
C VAL A 360 -5.48 -12.92 -2.67
N VAL A 361 -4.22 -12.95 -3.11
CA VAL A 361 -3.54 -11.75 -3.58
C VAL A 361 -4.02 -11.45 -5.01
N LYS A 362 -4.55 -10.26 -5.22
CA LYS A 362 -5.10 -9.87 -6.52
C LYS A 362 -4.09 -9.10 -7.38
N VAL A 363 -2.98 -8.65 -6.77
CA VAL A 363 -1.94 -7.91 -7.44
C VAL A 363 -0.55 -8.43 -7.06
N PHE A 364 0.30 -8.62 -8.04
CA PHE A 364 1.68 -9.03 -7.82
C PHE A 364 2.63 -8.16 -8.65
N TRP A 365 3.48 -7.42 -7.95
CA TRP A 365 4.52 -6.63 -8.59
C TRP A 365 5.83 -7.41 -8.49
N ALA A 366 6.22 -8.02 -9.61
CA ALA A 366 7.35 -8.96 -9.63
C ALA A 366 8.70 -8.27 -9.74
N LEU A 367 9.22 -7.79 -8.61
CA LEU A 367 10.59 -7.28 -8.54
C LEU A 367 11.54 -8.36 -9.02
N ASP A 368 12.45 -7.98 -9.91
CA ASP A 368 13.22 -8.93 -10.71
C ASP A 368 14.69 -8.51 -10.74
N ALA A 369 15.54 -9.34 -10.13
CA ALA A 369 16.98 -9.04 -10.02
C ALA A 369 17.68 -8.83 -11.36
N ASP A 370 17.21 -9.51 -12.40
CA ASP A 370 17.80 -9.31 -13.73
C ASP A 370 17.51 -7.91 -14.25
N LEU A 371 16.32 -7.41 -13.94
CA LEU A 371 15.90 -6.09 -14.39
C LEU A 371 16.72 -5.04 -13.64
N ALA A 372 16.89 -5.28 -12.33
CA ALA A 372 17.75 -4.47 -11.48
C ALA A 372 19.17 -4.37 -12.01
N ARG A 373 19.75 -5.52 -12.36
CA ARG A 373 21.13 -5.55 -12.86
C ARG A 373 21.29 -4.85 -14.20
N ARG A 374 20.23 -4.84 -15.01
CA ARG A 374 20.21 -4.07 -16.26
C ARG A 374 19.83 -2.59 -16.02
N ARG A 375 19.79 -2.17 -14.75
CA ARG A 375 19.50 -0.78 -14.36
C ARG A 375 18.14 -0.25 -14.84
N HIS A 376 17.15 -1.13 -14.91
CA HIS A 376 15.79 -0.77 -15.28
C HIS A 376 15.00 -0.61 -13.99
N PHE A 377 14.71 0.63 -13.60
CA PHE A 377 14.06 0.91 -12.32
C PHE A 377 12.77 1.70 -12.48
N PRO A 378 11.76 1.40 -11.64
CA PRO A 378 11.72 0.27 -10.70
C PRO A 378 11.76 -1.08 -11.42
N ALA A 379 12.35 -2.06 -10.77
CA ALA A 379 12.69 -3.32 -11.42
C ALA A 379 11.50 -4.29 -11.46
N ILE A 380 10.36 -3.81 -11.91
CA ILE A 380 9.12 -4.59 -11.93
C ILE A 380 8.97 -5.23 -13.31
N ASN A 381 8.99 -6.57 -13.33
CA ASN A 381 8.88 -7.32 -14.56
C ASN A 381 7.46 -7.19 -15.09
N TRP A 382 7.35 -6.59 -16.26
CA TRP A 382 6.04 -6.24 -16.85
C TRP A 382 5.39 -7.43 -17.58
N LEU A 383 6.09 -8.57 -17.62
CA LEU A 383 5.54 -9.82 -18.18
C LEU A 383 5.07 -10.82 -17.12
N THR A 384 5.70 -10.84 -15.95
CA THR A 384 5.32 -11.77 -14.88
C THR A 384 4.49 -11.12 -13.76
N SER A 385 4.36 -9.79 -13.77
CA SER A 385 3.47 -9.10 -12.84
C SER A 385 2.04 -9.25 -13.31
N TYR A 386 1.08 -9.02 -12.41
CA TYR A 386 -0.33 -8.97 -12.80
C TYR A 386 -1.15 -8.15 -11.82
N SER A 387 -2.28 -7.64 -12.28
CA SER A 387 -3.30 -7.05 -11.42
C SER A 387 -4.65 -7.54 -11.87
N LEU A 388 -5.49 -7.98 -10.95
CA LEU A 388 -6.85 -8.39 -11.29
C LEU A 388 -7.83 -7.25 -11.08
N TYR A 389 -7.31 -6.03 -10.91
CA TYR A 389 -8.13 -4.86 -10.65
C TYR A 389 -8.22 -3.91 -11.84
N VAL A 390 -7.65 -4.28 -12.97
CA VAL A 390 -7.64 -3.38 -14.15
C VAL A 390 -9.04 -2.98 -14.58
N ASP A 391 -9.92 -3.97 -14.71
CA ASP A 391 -11.31 -3.68 -15.09
C ASP A 391 -12.07 -2.98 -13.99
N ALA A 392 -11.73 -3.28 -12.75
CA ALA A 392 -12.39 -2.67 -11.59
C ALA A 392 -12.14 -1.16 -11.48
N VAL A 393 -10.93 -0.72 -11.82
CA VAL A 393 -10.57 0.70 -11.68
C VAL A 393 -10.65 1.52 -12.97
N LYS A 394 -10.90 0.89 -14.11
CA LYS A 394 -10.84 1.61 -15.38
C LYS A 394 -11.84 2.76 -15.49
N ASP A 395 -13.04 2.56 -14.95
CA ASP A 395 -14.10 3.59 -15.02
C ASP A 395 -13.72 4.85 -14.25
N TRP A 396 -13.06 4.70 -13.11
CA TRP A 396 -12.53 5.84 -12.38
C TRP A 396 -11.57 6.63 -13.28
N TRP A 397 -10.64 5.94 -13.92
CA TRP A 397 -9.70 6.60 -14.86
C TRP A 397 -10.45 7.25 -16.01
N HIS A 398 -11.38 6.52 -16.62
CA HIS A 398 -12.11 7.02 -17.78
C HIS A 398 -12.89 8.29 -17.50
N LYS A 399 -13.56 8.31 -16.36
CA LYS A 399 -14.42 9.42 -15.95
C LYS A 399 -13.65 10.61 -15.40
N ASN A 400 -12.57 10.36 -14.67
CA ASN A 400 -11.88 11.45 -13.99
C ASN A 400 -10.64 11.99 -14.70
N ILE A 401 -9.97 11.13 -15.48
CA ILE A 401 -8.64 11.45 -15.99
C ILE A 401 -8.58 11.38 -17.52
N ASP A 402 -8.93 10.25 -18.11
CA ASP A 402 -8.82 10.08 -19.56
C ASP A 402 -9.72 8.95 -20.07
N PRO A 403 -10.65 9.29 -20.98
CA PRO A 403 -11.57 8.29 -21.53
C PRO A 403 -10.89 7.10 -22.21
N GLU A 404 -9.65 7.27 -22.68
CA GLU A 404 -8.94 6.18 -23.37
C GLU A 404 -7.94 5.39 -22.51
N TRP A 405 -7.94 5.58 -21.20
CA TRP A 405 -6.95 4.95 -20.31
C TRP A 405 -6.71 3.45 -20.52
N LYS A 406 -7.77 2.64 -20.47
CA LYS A 406 -7.63 1.19 -20.64
C LYS A 406 -7.20 0.77 -22.05
N ALA A 407 -7.74 1.43 -23.06
CA ALA A 407 -7.37 1.17 -24.45
C ALA A 407 -5.88 1.46 -24.68
N MET A 408 -5.41 2.58 -24.16
CA MET A 408 -3.98 2.92 -24.24
C MET A 408 -3.12 1.93 -23.49
N ARG A 409 -3.54 1.57 -22.29
CA ARG A 409 -2.83 0.60 -21.47
C ARG A 409 -2.69 -0.74 -22.19
N ASP A 410 -3.82 -1.26 -22.69
CA ASP A 410 -3.85 -2.54 -23.41
C ASP A 410 -2.98 -2.51 -24.65
N LYS A 411 -3.02 -1.41 -25.38
CA LYS A 411 -2.23 -1.24 -26.58
C LYS A 411 -0.72 -1.23 -26.27
N ALA A 412 -0.33 -0.50 -25.23
CA ALA A 412 1.07 -0.49 -24.79
C ALA A 412 1.54 -1.87 -24.30
N MET A 413 0.68 -2.57 -23.55
CA MET A 413 1.03 -3.93 -23.11
C MET A 413 1.21 -4.88 -24.29
N ALA A 414 0.33 -4.76 -25.28
CA ALA A 414 0.42 -5.58 -26.49
C ALA A 414 1.75 -5.35 -27.21
N LEU A 415 2.22 -4.11 -27.25
CA LEU A 415 3.51 -3.81 -27.86
C LEU A 415 4.66 -4.43 -27.08
N LEU A 416 4.58 -4.38 -25.75
CA LEU A 416 5.57 -5.00 -24.89
C LEU A 416 5.59 -6.52 -25.04
N GLN A 417 4.41 -7.14 -25.17
CA GLN A 417 4.32 -8.58 -25.40
C GLN A 417 4.94 -8.93 -26.74
N LYS A 418 4.64 -8.16 -27.78
CA LYS A 418 5.23 -8.37 -29.10
C LYS A 418 6.75 -8.24 -29.03
N GLU A 419 7.23 -7.20 -28.35
CA GLU A 419 8.66 -6.99 -28.21
C GLU A 419 9.32 -8.25 -27.65
N SER A 420 8.72 -8.78 -26.58
CA SER A 420 9.27 -9.96 -25.92
C SER A 420 9.39 -11.18 -26.87
N GLU A 421 8.34 -11.43 -27.65
CA GLU A 421 8.33 -12.49 -28.65
C GLU A 421 9.45 -12.31 -29.68
N LEU A 422 9.57 -11.09 -30.20
CA LEU A 422 10.56 -10.79 -31.23
C LEU A 422 11.97 -10.97 -30.72
N GLN A 423 12.23 -10.50 -29.50
CA GLN A 423 13.58 -10.59 -28.92
C GLN A 423 14.04 -12.04 -28.76
N GLU A 424 13.10 -12.93 -28.44
CA GLU A 424 13.36 -14.36 -28.35
C GLU A 424 13.69 -14.95 -29.73
N ILE A 425 12.83 -14.65 -30.70
CA ILE A 425 13.05 -15.07 -32.09
C ILE A 425 14.39 -14.56 -32.60
N VAL A 426 14.68 -13.30 -32.33
CA VAL A 426 15.91 -12.67 -32.80
C VAL A 426 17.14 -13.35 -32.19
N ARG A 427 17.04 -13.68 -30.90
CA ARG A 427 18.13 -14.38 -30.22
C ARG A 427 18.60 -15.59 -31.04
N ILE A 428 17.65 -16.31 -31.63
CA ILE A 428 17.95 -17.43 -32.51
C ILE A 428 18.50 -16.96 -33.88
N VAL A 429 17.65 -16.32 -34.67
CA VAL A 429 17.94 -16.04 -36.09
C VAL A 429 18.66 -14.70 -36.38
N GLY A 430 19.02 -13.96 -35.35
CA GLY A 430 19.67 -12.65 -35.53
C GLY A 430 18.70 -11.55 -35.92
N PRO A 431 19.15 -10.27 -35.83
CA PRO A 431 18.35 -9.08 -36.11
C PRO A 431 18.40 -8.57 -37.55
N ASP A 432 19.25 -9.15 -38.37
CA ASP A 432 19.54 -8.59 -39.68
C ASP A 432 18.40 -8.75 -40.68
N ALA A 433 17.60 -9.80 -40.51
CA ALA A 433 16.47 -10.05 -41.42
C ALA A 433 15.15 -9.42 -40.96
N LEU A 434 15.20 -8.55 -39.93
CA LEU A 434 14.00 -7.91 -39.46
C LEU A 434 13.44 -6.94 -40.50
N PRO A 435 12.16 -7.10 -40.87
CA PRO A 435 11.53 -6.05 -41.68
C PRO A 435 11.39 -4.74 -40.92
N GLU A 436 11.14 -3.66 -41.65
CA GLU A 436 10.99 -2.33 -41.08
C GLU A 436 9.89 -2.26 -40.02
N ARG A 437 8.75 -2.87 -40.32
CA ARG A 437 7.62 -2.97 -39.40
C ARG A 437 8.05 -3.50 -38.03
N GLU A 438 8.81 -4.59 -38.04
CA GLU A 438 9.29 -5.22 -36.83
C GLU A 438 10.26 -4.32 -36.09
N ARG A 439 11.18 -3.73 -36.84
CA ARG A 439 12.17 -2.83 -36.27
C ARG A 439 11.46 -1.63 -35.65
N ALA A 440 10.37 -1.19 -36.27
CA ALA A 440 9.56 -0.10 -35.73
C ALA A 440 8.90 -0.47 -34.40
N ILE A 441 8.41 -1.71 -34.29
CA ILE A 441 7.80 -2.18 -33.06
C ILE A 441 8.83 -2.20 -31.93
N LEU A 442 10.06 -2.59 -32.25
CA LEU A 442 11.14 -2.63 -31.26
C LEU A 442 11.59 -1.23 -30.84
N LEU A 443 11.62 -0.30 -31.79
CA LEU A 443 11.96 1.08 -31.48
C LEU A 443 10.98 1.65 -30.46
N VAL A 444 9.68 1.52 -30.75
CA VAL A 444 8.64 2.07 -29.89
C VAL A 444 8.53 1.32 -28.55
N ALA A 445 8.68 0.00 -28.57
CA ALA A 445 8.69 -0.77 -27.34
C ALA A 445 9.84 -0.30 -26.40
N ARG A 446 11.00 -0.03 -26.99
CA ARG A 446 12.13 0.50 -26.25
C ARG A 446 11.83 1.89 -25.66
N MET A 447 11.15 2.73 -26.44
CA MET A 447 10.70 4.03 -25.93
C MET A 447 9.72 3.87 -24.76
N LEU A 448 8.81 2.91 -24.86
CA LEU A 448 7.89 2.61 -23.75
C LEU A 448 8.67 2.22 -22.51
N ARG A 449 9.61 1.30 -22.67
CA ARG A 449 10.41 0.84 -21.54
C ARG A 449 11.17 2.00 -20.88
N GLU A 450 11.84 2.80 -21.70
CA GLU A 450 12.77 3.84 -21.22
C GLU A 450 12.07 5.13 -20.81
N ASP A 451 11.04 5.52 -21.56
CA ASP A 451 10.39 6.82 -21.38
C ASP A 451 9.17 6.73 -20.46
N TYR A 452 8.69 5.52 -20.17
CA TYR A 452 7.45 5.36 -19.42
C TYR A 452 7.58 4.39 -18.25
N LEU A 453 7.96 3.14 -18.50
CA LEU A 453 8.10 2.15 -17.41
C LEU A 453 9.18 2.57 -16.41
N GLN A 454 10.34 2.94 -16.94
CA GLN A 454 11.44 3.39 -16.09
C GLN A 454 11.07 4.73 -15.48
N GLN A 455 11.30 4.84 -14.17
CA GLN A 455 10.92 6.01 -13.42
C GLN A 455 12.02 6.26 -12.41
N ASP A 456 12.33 7.53 -12.18
CA ASP A 456 13.45 7.91 -11.32
C ASP A 456 12.95 8.37 -9.95
N ALA A 457 12.99 7.47 -8.98
CA ALA A 457 12.56 7.75 -7.63
C ALA A 457 13.41 8.83 -6.93
N PHE A 458 14.62 9.07 -7.43
CA PHE A 458 15.58 10.00 -6.83
C PHE A 458 15.54 11.38 -7.44
N ASP A 459 14.66 11.59 -8.42
CA ASP A 459 14.54 12.87 -9.11
C ASP A 459 13.38 13.68 -8.54
N GLU A 460 13.58 15.00 -8.44
CA GLU A 460 12.62 15.89 -7.79
C GLU A 460 11.24 15.91 -8.47
N VAL A 461 11.22 15.75 -9.79
CA VAL A 461 9.97 15.71 -10.54
C VAL A 461 9.45 14.29 -10.63
N ASP A 462 10.29 13.36 -11.12
CA ASP A 462 9.82 12.02 -11.48
C ASP A 462 9.63 11.05 -10.31
N THR A 463 9.93 11.49 -9.09
CA THR A 463 9.66 10.67 -7.92
C THR A 463 8.16 10.41 -7.76
N TYR A 464 7.33 11.29 -8.34
CA TYR A 464 5.90 11.09 -8.35
C TYR A 464 5.33 11.50 -9.69
N CYS A 465 4.46 10.67 -10.27
CA CYS A 465 3.82 11.00 -11.54
C CYS A 465 2.29 11.06 -11.38
N PRO A 466 1.72 12.28 -11.35
CA PRO A 466 0.26 12.42 -11.22
C PRO A 466 -0.50 11.72 -12.36
N PRO A 467 -1.69 11.17 -12.06
CA PRO A 467 -2.54 10.54 -13.09
C PRO A 467 -2.61 11.29 -14.42
N GLU A 468 -2.86 12.60 -14.39
CA GLU A 468 -2.93 13.43 -15.61
C GLU A 468 -1.65 13.36 -16.44
N LYS A 469 -0.52 13.37 -15.75
CA LYS A 469 0.78 13.30 -16.43
C LYS A 469 0.99 11.91 -17.06
N GLN A 470 0.53 10.87 -16.37
CA GLN A 470 0.68 9.48 -16.86
C GLN A 470 -0.06 9.29 -18.18
N VAL A 471 -1.32 9.71 -18.24
CA VAL A 471 -2.10 9.54 -19.47
C VAL A 471 -1.55 10.40 -20.63
N THR A 472 -1.01 11.56 -20.33
CA THR A 472 -0.49 12.47 -21.37
C THR A 472 0.82 11.91 -21.92
N MET A 473 1.69 11.44 -21.03
CA MET A 473 2.91 10.75 -21.44
C MET A 473 2.58 9.53 -22.32
N MET A 474 1.55 8.78 -21.93
CA MET A 474 1.13 7.61 -22.72
C MET A 474 0.62 8.01 -24.11
N ARG A 475 -0.24 9.03 -24.17
CA ARG A 475 -0.74 9.54 -25.46
C ARG A 475 0.40 9.97 -26.39
N VAL A 476 1.38 10.67 -25.85
CA VAL A 476 2.53 11.10 -26.63
C VAL A 476 3.21 9.89 -27.26
N LEU A 477 3.44 8.85 -26.45
CA LEU A 477 4.14 7.67 -26.93
C LEU A 477 3.34 6.89 -27.96
N LEU A 478 2.06 6.69 -27.69
CA LEU A 478 1.20 5.92 -28.58
C LEU A 478 0.88 6.69 -29.85
N ASN A 479 0.83 8.02 -29.77
CA ASN A 479 0.75 8.84 -30.96
C ASN A 479 2.00 8.74 -31.82
N PHE A 480 3.17 8.65 -31.16
CA PHE A 480 4.42 8.41 -31.87
C PHE A 480 4.41 7.05 -32.55
N TYR A 481 3.83 6.05 -31.87
CA TYR A 481 3.69 4.72 -32.46
C TYR A 481 2.83 4.78 -33.73
N ASP A 482 1.64 5.37 -33.61
CA ASP A 482 0.73 5.50 -34.74
C ASP A 482 1.41 6.19 -35.94
N LYS A 483 2.10 7.30 -35.68
CA LYS A 483 2.81 8.04 -36.73
C LYS A 483 3.95 7.23 -37.34
N THR A 484 4.64 6.45 -36.49
CA THR A 484 5.72 5.58 -36.96
C THR A 484 5.21 4.52 -37.94
N MET A 485 4.11 3.85 -37.60
CA MET A 485 3.56 2.80 -38.45
C MET A 485 2.95 3.39 -39.72
N GLU A 486 2.35 4.57 -39.59
CA GLU A 486 1.84 5.31 -40.72
C GLU A 486 2.98 5.68 -41.69
N ALA A 487 4.14 6.06 -41.14
CA ALA A 487 5.25 6.54 -41.93
C ALA A 487 5.91 5.43 -42.73
N ILE A 488 6.29 4.33 -42.05
CA ILE A 488 6.87 3.20 -42.76
C ILE A 488 5.89 2.59 -43.76
N ASN A 489 4.59 2.69 -43.47
CA ASN A 489 3.56 2.25 -44.40
C ASN A 489 3.64 3.07 -45.70
N ARG A 490 4.08 4.31 -45.57
CA ARG A 490 4.38 5.16 -46.73
C ARG A 490 5.86 5.08 -47.19
N GLY A 491 6.58 4.02 -46.83
CA GLY A 491 7.98 3.87 -47.24
C GLY A 491 8.99 4.91 -46.74
N VAL A 492 8.70 5.56 -45.62
CA VAL A 492 9.68 6.41 -44.94
C VAL A 492 10.65 5.49 -44.19
N PRO A 493 11.97 5.67 -44.38
CA PRO A 493 12.91 4.77 -43.71
C PRO A 493 12.88 4.88 -42.18
N LEU A 494 13.02 3.74 -41.50
CA LEU A 494 12.99 3.71 -40.05
C LEU A 494 14.17 4.44 -39.41
N GLU A 495 15.32 4.46 -40.09
CA GLU A 495 16.49 5.23 -39.63
C GLU A 495 16.13 6.69 -39.41
N GLU A 496 15.29 7.23 -40.30
CA GLU A 496 14.86 8.62 -40.25
C GLU A 496 13.93 8.86 -39.05
N ILE A 497 13.04 7.90 -38.82
CA ILE A 497 12.09 7.98 -37.70
C ILE A 497 12.84 7.86 -36.37
N ALA A 498 13.83 6.98 -36.32
CA ALA A 498 14.66 6.79 -35.13
C ALA A 498 15.49 8.02 -34.78
N LYS A 499 15.69 8.90 -35.76
CA LYS A 499 16.46 10.13 -35.60
C LYS A 499 15.59 11.38 -35.43
N LEU A 500 14.27 11.25 -35.47
CA LEU A 500 13.41 12.40 -35.25
C LEU A 500 13.81 13.08 -33.95
N PRO A 501 14.10 14.39 -34.01
CA PRO A 501 14.49 15.13 -32.81
C PRO A 501 13.51 15.01 -31.63
N VAL A 502 12.22 14.99 -31.91
CA VAL A 502 11.20 14.92 -30.86
C VAL A 502 11.33 13.66 -29.96
N ARG A 503 11.88 12.57 -30.51
CA ARG A 503 12.22 11.40 -29.70
C ARG A 503 13.03 11.76 -28.47
N GLU A 504 13.97 12.69 -28.65
CA GLU A 504 14.83 13.14 -27.56
C GLU A 504 14.02 13.81 -26.46
N GLU A 505 13.02 14.59 -26.86
CA GLU A 505 12.16 15.29 -25.90
C GLU A 505 11.23 14.30 -25.21
N ILE A 506 10.74 13.32 -25.97
CA ILE A 506 9.88 12.27 -25.43
C ILE A 506 10.67 11.50 -24.38
N GLY A 507 11.96 11.30 -24.62
CA GLY A 507 12.85 10.66 -23.65
C GLY A 507 13.00 11.40 -22.32
N ARG A 508 12.85 12.71 -22.33
CA ARG A 508 13.01 13.50 -21.09
C ARG A 508 11.68 13.99 -20.48
N MET A 509 10.56 13.69 -21.13
CA MET A 509 9.28 14.25 -20.69
C MET A 509 8.95 13.86 -19.25
N LYS A 510 9.45 12.71 -18.79
CA LYS A 510 9.28 12.32 -17.38
C LYS A 510 9.84 13.35 -16.37
N PHE A 511 10.82 14.13 -16.80
CA PHE A 511 11.44 15.15 -15.94
C PHE A 511 10.77 16.51 -16.03
N GLU A 512 9.74 16.64 -16.86
CA GLU A 512 9.00 17.88 -17.01
C GLU A 512 7.79 17.94 -16.07
N ARG A 513 7.72 19.00 -15.26
CA ARG A 513 6.60 19.23 -14.33
C ARG A 513 5.34 19.68 -15.06
N ASP A 514 5.53 20.52 -16.06
CA ASP A 514 4.41 21.16 -16.75
C ASP A 514 3.76 20.24 -17.77
N VAL A 515 2.60 19.69 -17.41
CA VAL A 515 1.92 18.68 -18.24
C VAL A 515 1.46 19.23 -19.60
N SER A 516 1.18 20.53 -19.66
CA SER A 516 0.83 21.17 -20.93
C SER A 516 2.00 21.15 -21.92
N LYS A 517 3.23 21.30 -21.41
CA LYS A 517 4.42 21.21 -22.25
C LYS A 517 4.63 19.79 -22.79
N ILE A 518 4.30 18.79 -21.97
CA ILE A 518 4.36 17.39 -22.39
C ILE A 518 3.31 17.15 -23.47
N ARG A 519 2.10 17.66 -23.25
CA ARG A 519 0.99 17.50 -24.21
C ARG A 519 1.29 18.07 -25.58
N SER A 520 2.09 19.14 -25.62
CA SER A 520 2.41 19.81 -26.87
C SER A 520 3.33 18.97 -27.76
N LEU A 521 3.97 17.95 -27.16
CA LEU A 521 4.79 17.02 -27.92
C LEU A 521 3.97 16.26 -28.95
N ILE A 522 2.67 16.07 -28.70
CA ILE A 522 1.80 15.42 -29.68
C ILE A 522 1.82 16.19 -31.01
N ASP A 523 1.54 17.49 -30.96
CA ASP A 523 1.55 18.34 -32.16
C ASP A 523 2.94 18.44 -32.76
N LYS A 524 3.95 18.55 -31.89
CA LYS A 524 5.33 18.62 -32.35
C LYS A 524 5.75 17.33 -33.07
N THR A 525 5.31 16.19 -32.54
CA THR A 525 5.49 14.91 -33.21
C THR A 525 4.78 14.94 -34.56
N ASN A 526 3.53 15.40 -34.57
CA ASN A 526 2.73 15.42 -35.79
C ASN A 526 3.23 16.34 -36.90
N GLU A 527 4.05 17.35 -36.56
CA GLU A 527 4.54 18.29 -37.57
C GLU A 527 5.96 17.96 -38.07
N GLN A 528 6.69 17.15 -37.33
CA GLN A 528 8.02 16.71 -37.76
C GLN A 528 7.97 15.50 -38.71
N PHE A 529 7.03 14.59 -38.45
CA PHE A 529 6.72 13.53 -39.41
C PHE A 529 6.30 14.12 -40.76
N GLU A 530 5.68 15.30 -40.74
CA GLU A 530 5.34 16.02 -41.98
C GLU A 530 6.60 16.44 -42.73
N GLU A 531 7.58 16.96 -42.01
CA GLU A 531 8.88 17.30 -42.61
C GLU A 531 9.62 16.07 -43.15
N LEU A 532 9.23 14.86 -42.70
CA LEU A 532 9.70 13.61 -43.32
C LEU A 532 8.89 13.27 -44.57
N PHE A 533 7.58 13.45 -44.50
CA PHE A 533 6.71 13.20 -45.66
C PHE A 533 7.03 14.14 -46.83
N LYS A 534 7.55 15.33 -46.50
CA LYS A 534 7.97 16.31 -47.51
C LYS A 534 9.29 15.88 -48.14
N LYS A 535 10.22 15.42 -47.30
CA LYS A 535 11.52 14.93 -47.77
C LYS A 535 11.42 13.65 -48.60
N TYR A 536 10.36 12.87 -48.41
CA TYR A 536 10.20 11.59 -49.14
C TYR A 536 8.99 11.54 -50.09
N GLY A 537 8.24 12.64 -50.20
CA GLY A 537 7.13 12.73 -51.15
C GLY A 537 5.84 12.10 -50.65
N ALA A 538 4.77 12.33 -51.40
CA ALA A 538 3.41 11.86 -51.07
C ALA A 538 2.90 12.43 -49.74
C ACY B . 0.92 -5.09 -32.51
O ACY B . 1.10 -5.43 -33.70
OXT ACY B . 0.04 -4.27 -32.17
CH3 ACY B . 1.79 -5.71 -31.45
C ACY C . -24.43 13.56 15.08
O ACY C . -25.57 13.32 14.60
OXT ACY C . -23.81 12.74 15.80
CH3 ACY C . -23.77 14.88 14.79
C TRS D . -27.95 2.33 35.89
C1 TRS D . -28.00 0.89 36.39
C2 TRS D . -26.79 2.56 34.92
C3 TRS D . -27.84 3.30 37.08
N TRS D . -29.24 2.61 35.20
O1 TRS D . -26.69 0.40 36.65
O2 TRS D . -26.71 1.52 33.93
O3 TRS D . -26.76 2.92 37.94
C1 MPD E . 12.49 9.87 0.13
C2 MPD E . 13.71 9.00 0.39
O2 MPD E . 14.85 9.66 -0.17
CM MPD E . 13.95 8.82 1.88
C3 MPD E . 13.60 7.61 -0.27
C4 MPD E . 13.12 7.63 -1.71
O4 MPD E . 13.68 8.73 -2.43
C5 MPD E . 13.50 6.35 -2.43
#